data_5G5M
#
_entry.id   5G5M
#
_cell.length_a   49.859
_cell.length_b   77.442
_cell.length_c   70.878
_cell.angle_alpha   90.00
_cell.angle_beta   92.16
_cell.angle_gamma   90.00
#
_symmetry.space_group_name_H-M   'P 1 21 1'
#
loop_
_entity.id
_entity.type
_entity.pdbx_description
1 polymer ESTERASE
2 non-polymer 'S-methyl hexanethioate'
3 water water
#
_entity_poly.entity_id   1
_entity_poly.type   'polypeptide(L)'
_entity_poly.pdbx_seq_one_letter_code
;MHHHHHHGYKMVNPPRVVGNWTPKDLSFEYKDVEITTEDNVKLSGWWIDNGSDKTVIPLHGYTSSRWAEHYMRPVIEFLL
KEGYNVLAFDFRAHGKSGGKYTTVGDKEILDLKAGVKWLKDNYPEKSKRIGVIGFSMGALVAIRGLSEVKEICCGVADSP
PIYLDKTGARGMKYFAKLPEWLYSFVKPFSELFSGGRPINVLNYTNSIKKPLFLIIGRRDTLVKVEEVQEFYERNKHVNP
NVELWVTDAPHVRTIQVFPEEWKSRVGEFLKRWMG
;
_entity_poly.pdbx_strand_id   A,B
#
# COMPACT_ATOMS: atom_id res chain seq x y z
N ASN A 13 -8.10 6.04 0.14
CA ASN A 13 -7.83 6.60 -1.17
C ASN A 13 -6.89 5.70 -1.89
N PRO A 14 -7.44 4.63 -2.41
CA PRO A 14 -6.65 3.55 -3.00
C PRO A 14 -6.22 3.87 -4.39
N PRO A 15 -5.54 2.94 -5.00
CA PRO A 15 -4.97 3.18 -6.30
C PRO A 15 -5.96 2.86 -7.37
N ARG A 16 -6.32 3.91 -8.04
CA ARG A 16 -7.21 4.02 -9.17
C ARG A 16 -6.79 3.17 -10.33
N VAL A 17 -7.64 2.22 -10.63
CA VAL A 17 -7.42 1.32 -11.69
C VAL A 17 -8.36 1.65 -12.80
N VAL A 18 -7.81 1.74 -14.00
CA VAL A 18 -8.58 1.99 -15.17
C VAL A 18 -8.11 1.05 -16.23
N GLY A 19 -9.04 0.42 -16.90
CA GLY A 19 -8.74 -0.63 -17.84
C GLY A 19 -8.48 -0.11 -19.22
N ASN A 20 -8.38 -1.03 -20.14
CA ASN A 20 -8.00 -0.68 -21.50
C ASN A 20 -9.10 -0.91 -22.53
N TRP A 21 -10.34 -1.12 -22.08
CA TRP A 21 -11.42 -1.52 -22.97
C TRP A 21 -12.65 -0.62 -22.78
N THR A 22 -13.51 -0.57 -23.79
CA THR A 22 -14.75 0.23 -23.74
C THR A 22 -15.91 -0.66 -24.23
N PRO A 23 -17.17 -0.19 -24.09
CA PRO A 23 -18.26 -0.98 -24.67
C PRO A 23 -18.17 -1.16 -26.20
N LYS A 24 -17.34 -0.41 -26.92
CA LYS A 24 -17.09 -0.69 -28.36
C LYS A 24 -16.53 -2.08 -28.53
N ASP A 25 -15.55 -2.43 -27.69
CA ASP A 25 -14.92 -3.73 -27.72
C ASP A 25 -15.94 -4.83 -27.37
N LEU A 26 -17.17 -4.42 -27.09
CA LEU A 26 -18.29 -5.34 -26.88
C LEU A 26 -19.33 -5.21 -27.98
N SER A 27 -19.02 -4.34 -28.95
CA SER A 27 -19.88 -4.03 -30.10
CA SER A 27 -19.88 -4.03 -30.10
C SER A 27 -21.15 -3.29 -29.69
N PHE A 28 -21.08 -2.53 -28.61
CA PHE A 28 -22.23 -1.74 -28.18
C PHE A 28 -21.89 -0.27 -28.13
N GLU A 29 -22.83 0.56 -28.55
CA GLU A 29 -22.64 2.00 -28.50
C GLU A 29 -22.90 2.54 -27.09
N TYR A 30 -22.05 3.47 -26.67
CA TYR A 30 -22.03 3.95 -25.29
C TYR A 30 -21.75 5.44 -25.21
N LYS A 31 -22.14 6.05 -24.10
CA LYS A 31 -21.77 7.42 -23.81
C LYS A 31 -20.99 7.46 -22.50
N ASP A 32 -19.91 8.26 -22.48
CA ASP A 32 -19.24 8.52 -21.22
C ASP A 32 -20.10 9.54 -20.48
N VAL A 33 -20.45 9.25 -19.22
CA VAL A 33 -21.36 10.13 -18.50
C VAL A 33 -20.78 10.61 -17.17
N GLU A 34 -21.38 11.69 -16.68
CA GLU A 34 -20.99 12.31 -15.42
C GLU A 34 -22.18 12.38 -14.48
N ILE A 35 -22.03 11.78 -13.31
CA ILE A 35 -23.11 11.65 -12.35
C ILE A 35 -22.71 12.37 -11.05
N THR A 36 -23.54 13.29 -10.58
CA THR A 36 -23.19 14.01 -9.35
C THR A 36 -24.06 13.57 -8.15
N THR A 37 -23.39 13.19 -7.07
CA THR A 37 -24.07 12.67 -5.89
C THR A 37 -24.64 13.79 -5.03
N GLU A 38 -25.57 13.40 -4.18
CA GLU A 38 -26.22 14.26 -3.21
C GLU A 38 -25.21 15.13 -2.41
N ASP A 39 -24.06 14.55 -2.07
CA ASP A 39 -23.04 15.29 -1.35
C ASP A 39 -22.00 15.87 -2.30
N ASN A 40 -22.44 16.12 -3.54
CA ASN A 40 -21.66 16.78 -4.58
C ASN A 40 -20.37 16.07 -4.98
N VAL A 41 -20.40 14.76 -5.12
CA VAL A 41 -19.25 14.04 -5.69
C VAL A 41 -19.52 13.73 -7.17
N LYS A 42 -18.49 13.88 -7.98
CA LYS A 42 -18.56 13.77 -9.42
C LYS A 42 -18.14 12.38 -9.88
N LEU A 43 -19.09 11.55 -10.27
CA LEU A 43 -18.77 10.17 -10.68
C LEU A 43 -18.63 10.07 -12.18
N SER A 44 -17.81 9.14 -12.62
CA SER A 44 -17.62 8.87 -14.04
C SER A 44 -18.17 7.51 -14.41
N GLY A 45 -18.90 7.44 -15.53
CA GLY A 45 -19.54 6.20 -15.90
C GLY A 45 -19.82 6.05 -17.37
N TRP A 46 -20.28 4.85 -17.72
CA TRP A 46 -20.80 4.54 -19.04
C TRP A 46 -22.30 4.34 -18.94
N TRP A 47 -23.06 5.07 -19.74
CA TRP A 47 -24.47 4.73 -19.97
C TRP A 47 -24.56 4.00 -21.31
N ILE A 48 -25.03 2.75 -21.28
CA ILE A 48 -25.05 1.93 -22.49
C ILE A 48 -26.48 1.55 -22.84
N ASP A 49 -27.12 2.34 -23.70
CA ASP A 49 -28.48 2.14 -24.14
C ASP A 49 -28.59 0.89 -24.97
N ASN A 50 -29.43 -0.02 -24.54
CA ASN A 50 -29.62 -1.28 -25.26
C ASN A 50 -31.06 -1.42 -25.77
N GLY A 51 -31.76 -0.30 -25.91
CA GLY A 51 -33.10 -0.29 -26.50
C GLY A 51 -34.10 -0.97 -25.59
N SER A 52 -33.82 -0.95 -24.29
CA SER A 52 -34.65 -1.65 -23.34
C SER A 52 -35.35 -0.67 -22.40
N ASP A 53 -36.43 -1.11 -21.76
CA ASP A 53 -37.06 -0.33 -20.71
C ASP A 53 -36.48 -0.70 -19.32
N LYS A 54 -35.52 -1.63 -19.31
CA LYS A 54 -34.94 -2.15 -18.06
C LYS A 54 -33.42 -1.91 -17.99
N THR A 55 -32.96 -1.38 -16.85
CA THR A 55 -31.55 -1.11 -16.64
C THR A 55 -30.96 -1.87 -15.46
N VAL A 56 -29.75 -2.41 -15.63
CA VAL A 56 -29.04 -3.05 -14.53
C VAL A 56 -27.72 -2.33 -14.24
N ILE A 57 -27.44 -2.11 -12.97
CA ILE A 57 -26.23 -1.44 -12.53
C ILE A 57 -25.27 -2.43 -11.90
N PRO A 58 -24.17 -2.74 -12.60
CA PRO A 58 -23.14 -3.57 -11.95
C PRO A 58 -22.19 -2.72 -11.11
N LEU A 59 -21.94 -3.13 -9.86
CA LEU A 59 -21.18 -2.35 -8.88
C LEU A 59 -19.87 -3.05 -8.50
N HIS A 60 -18.75 -2.41 -8.81
CA HIS A 60 -17.45 -3.04 -8.61
C HIS A 60 -16.97 -3.05 -7.14
N GLY A 61 -15.92 -3.79 -6.85
CA GLY A 61 -15.44 -3.91 -5.48
C GLY A 61 -14.43 -2.84 -5.08
N TYR A 62 -14.03 -2.89 -3.82
CA TYR A 62 -13.02 -1.98 -3.25
C TYR A 62 -11.66 -2.10 -3.96
N THR A 63 -11.09 -0.95 -4.30
CA THR A 63 -9.79 -0.81 -4.99
C THR A 63 -9.86 -1.19 -6.45
N SER A 64 -11.07 -1.49 -6.91
CA SER A 64 -11.29 -1.87 -8.30
C SER A 64 -11.88 -0.70 -9.07
N SER A 65 -12.54 -1.02 -10.18
CA SER A 65 -13.30 -0.04 -10.95
C SER A 65 -14.20 -0.79 -11.90
N ARG A 66 -14.91 -0.04 -12.75
CA ARG A 66 -15.80 -0.62 -13.74
C ARG A 66 -15.09 -1.50 -14.79
N TRP A 67 -13.76 -1.47 -14.83
CA TRP A 67 -13.06 -2.21 -15.89
C TRP A 67 -12.70 -3.66 -15.54
N ALA A 68 -12.76 -4.00 -14.24
CA ALA A 68 -12.24 -5.27 -13.72
C ALA A 68 -12.51 -6.41 -14.68
N GLU A 69 -11.44 -6.93 -15.26
CA GLU A 69 -11.62 -7.83 -16.39
C GLU A 69 -12.10 -9.22 -15.97
N HIS A 70 -11.94 -9.58 -14.70
CA HIS A 70 -12.31 -10.92 -14.29
C HIS A 70 -13.76 -11.01 -13.82
N TYR A 71 -14.46 -9.89 -13.68
CA TYR A 71 -15.89 -9.97 -13.37
C TYR A 71 -16.75 -8.84 -13.96
N MET A 72 -16.25 -7.62 -14.00
CA MET A 72 -17.00 -6.49 -14.57
C MET A 72 -17.19 -6.61 -16.08
N ARG A 73 -16.09 -6.87 -16.78
CA ARG A 73 -16.20 -7.05 -18.22
C ARG A 73 -17.18 -8.20 -18.54
N PRO A 74 -17.07 -9.35 -17.92
CA PRO A 74 -18.02 -10.42 -18.20
C PRO A 74 -19.47 -10.11 -17.83
N VAL A 75 -19.72 -9.41 -16.73
CA VAL A 75 -21.10 -9.13 -16.35
C VAL A 75 -21.70 -8.08 -17.28
N ILE A 76 -20.91 -7.09 -17.67
CA ILE A 76 -21.40 -6.05 -18.56
C ILE A 76 -21.73 -6.64 -19.95
N GLU A 77 -20.82 -7.45 -20.47
CA GLU A 77 -21.07 -8.22 -21.69
C GLU A 77 -22.33 -9.07 -21.58
N PHE A 78 -22.42 -9.86 -20.51
CA PHE A 78 -23.57 -10.71 -20.25
C PHE A 78 -24.88 -9.92 -20.19
N LEU A 79 -24.86 -8.78 -19.51
CA LEU A 79 -26.08 -7.98 -19.33
C LEU A 79 -26.57 -7.43 -20.66
N LEU A 80 -25.63 -7.14 -21.57
CA LEU A 80 -26.00 -6.57 -22.85
C LEU A 80 -26.51 -7.67 -23.76
N LYS A 81 -25.88 -8.83 -23.68
CA LYS A 81 -26.38 -9.98 -24.43
C LYS A 81 -27.80 -10.31 -23.97
N GLU A 82 -28.07 -10.17 -22.68
CA GLU A 82 -29.42 -10.46 -22.15
C GLU A 82 -30.43 -9.39 -22.54
N GLY A 83 -29.95 -8.27 -23.09
CA GLY A 83 -30.84 -7.23 -23.57
C GLY A 83 -31.13 -6.11 -22.60
N TYR A 84 -30.42 -6.07 -21.47
CA TYR A 84 -30.59 -4.96 -20.53
C TYR A 84 -29.77 -3.74 -20.94
N ASN A 85 -30.27 -2.54 -20.63
CA ASN A 85 -29.44 -1.34 -20.63
C ASN A 85 -28.46 -1.46 -19.46
N VAL A 86 -27.33 -0.77 -19.51
CA VAL A 86 -26.37 -0.85 -18.40
C VAL A 86 -25.85 0.52 -17.99
N LEU A 87 -25.93 0.82 -16.70
CA LEU A 87 -25.20 1.95 -16.16
C LEU A 87 -24.04 1.44 -15.30
N ALA A 88 -22.82 1.78 -15.66
CA ALA A 88 -21.67 1.32 -14.89
C ALA A 88 -20.75 2.48 -14.60
N PHE A 89 -20.66 2.85 -13.33
CA PHE A 89 -19.82 3.98 -12.92
C PHE A 89 -18.72 3.48 -11.99
N ASP A 90 -17.68 4.29 -11.80
CA ASP A 90 -16.67 4.00 -10.78
C ASP A 90 -17.14 4.60 -9.46
N PHE A 91 -17.04 3.83 -8.39
CA PHE A 91 -17.38 4.37 -7.09
C PHE A 91 -16.46 5.56 -6.83
N ARG A 92 -16.84 6.43 -5.88
CA ARG A 92 -16.03 7.60 -5.57
C ARG A 92 -14.61 7.18 -5.22
N ALA A 93 -13.63 7.97 -5.68
CA ALA A 93 -12.20 7.80 -5.41
C ALA A 93 -11.62 6.57 -6.13
N HIS A 94 -12.44 5.92 -6.94
CA HIS A 94 -12.00 4.80 -7.76
C HIS A 94 -12.00 5.19 -9.24
N GLY A 95 -11.21 4.46 -10.03
CA GLY A 95 -11.22 4.62 -11.48
C GLY A 95 -11.01 6.07 -11.91
N LYS A 96 -11.99 6.58 -12.64
CA LYS A 96 -11.98 7.97 -13.09
C LYS A 96 -12.95 8.87 -12.28
N SER A 97 -13.51 8.35 -11.20
CA SER A 97 -14.55 9.09 -10.48
C SER A 97 -13.98 10.09 -9.49
N GLY A 98 -14.73 11.14 -9.20
CA GLY A 98 -14.29 12.17 -8.27
C GLY A 98 -14.28 11.67 -6.84
N GLY A 99 -14.14 12.60 -5.88
CA GLY A 99 -14.06 12.25 -4.47
C GLY A 99 -12.65 11.83 -4.10
N LYS A 100 -12.23 12.16 -2.88
CA LYS A 100 -10.86 11.87 -2.47
C LYS A 100 -10.80 10.70 -1.48
N TYR A 101 -11.89 10.52 -0.74
CA TYR A 101 -11.93 9.43 0.24
C TYR A 101 -12.95 8.38 -0.16
N THR A 102 -12.57 7.11 -0.04
CA THR A 102 -13.53 6.02 -0.14
C THR A 102 -13.92 5.59 1.27
N THR A 103 -15.20 5.31 1.48
CA THR A 103 -15.70 4.92 2.80
C THR A 103 -15.99 3.42 2.88
N VAL A 104 -15.46 2.66 1.91
CA VAL A 104 -15.57 1.20 1.85
C VAL A 104 -17.00 0.68 2.13
N GLY A 105 -17.98 1.29 1.48
CA GLY A 105 -19.36 0.82 1.57
C GLY A 105 -20.28 1.74 2.35
N ASP A 106 -19.70 2.66 3.12
CA ASP A 106 -20.51 3.55 3.95
C ASP A 106 -21.25 4.54 3.05
N LYS A 107 -20.56 5.60 2.64
CA LYS A 107 -21.23 6.65 1.89
C LYS A 107 -21.40 6.29 0.40
N GLU A 108 -20.88 5.12 -0.01
CA GLU A 108 -21.00 4.67 -1.39
C GLU A 108 -22.44 4.39 -1.78
N ILE A 109 -23.32 4.29 -0.78
CA ILE A 109 -24.76 4.13 -1.05
C ILE A 109 -25.26 5.36 -1.82
N LEU A 110 -24.59 6.49 -1.62
CA LEU A 110 -24.99 7.72 -2.29
C LEU A 110 -24.58 7.66 -3.76
N ASP A 111 -23.48 6.98 -4.06
CA ASP A 111 -23.07 6.81 -5.44
C ASP A 111 -24.15 6.05 -6.20
N LEU A 112 -24.61 4.96 -5.59
CA LEU A 112 -25.68 4.16 -6.15
C LEU A 112 -26.98 4.95 -6.28
N LYS A 113 -27.30 5.69 -5.22
CA LYS A 113 -28.51 6.51 -5.21
C LYS A 113 -28.41 7.56 -6.31
N ALA A 114 -27.21 8.09 -6.55
CA ALA A 114 -27.01 9.08 -7.61
C ALA A 114 -27.30 8.45 -8.97
N GLY A 115 -26.72 7.28 -9.21
CA GLY A 115 -26.97 6.55 -10.43
C GLY A 115 -28.43 6.26 -10.72
N VAL A 116 -29.17 5.86 -9.70
CA VAL A 116 -30.59 5.55 -9.85
C VAL A 116 -31.36 6.81 -10.24
N LYS A 117 -31.09 7.90 -9.54
CA LYS A 117 -31.73 9.18 -9.83
C LYS A 117 -31.38 9.65 -11.23
N TRP A 118 -30.12 9.47 -11.61
CA TRP A 118 -29.67 9.86 -12.94
C TRP A 118 -30.46 9.10 -14.01
N LEU A 119 -30.72 7.82 -13.76
CA LEU A 119 -31.48 7.04 -14.71
C LEU A 119 -32.92 7.55 -14.76
N LYS A 120 -33.49 7.82 -13.59
CA LYS A 120 -34.88 8.23 -13.52
C LYS A 120 -35.10 9.58 -14.19
N ASP A 121 -34.13 10.49 -14.00
CA ASP A 121 -34.22 11.85 -14.52
C ASP A 121 -33.99 11.93 -16.02
N ASN A 122 -32.92 11.30 -16.48
CA ASN A 122 -32.49 11.48 -17.85
C ASN A 122 -33.10 10.47 -18.81
N TYR A 123 -33.26 9.26 -18.34
CA TYR A 123 -33.84 8.23 -19.21
C TYR A 123 -34.89 7.35 -18.52
N PRO A 124 -36.01 7.87 -18.06
CA PRO A 124 -37.00 7.11 -17.31
C PRO A 124 -37.63 5.97 -18.10
N GLU A 125 -37.80 6.15 -19.41
CA GLU A 125 -38.43 5.10 -20.20
C GLU A 125 -37.44 3.95 -20.43
N LYS A 126 -36.18 4.16 -20.09
CA LYS A 126 -35.22 3.10 -20.16
C LYS A 126 -34.95 2.46 -18.81
N SER A 127 -35.58 2.97 -17.76
CA SER A 127 -35.32 2.50 -16.40
C SER A 127 -36.61 2.26 -15.64
N LYS A 128 -37.63 1.78 -16.36
CA LYS A 128 -38.89 1.43 -15.72
C LYS A 128 -38.66 0.39 -14.63
N ARG A 129 -37.71 -0.51 -14.87
CA ARG A 129 -37.23 -1.44 -13.85
C ARG A 129 -35.72 -1.28 -13.71
N ILE A 130 -35.26 -1.24 -12.48
CA ILE A 130 -33.83 -1.12 -12.17
C ILE A 130 -33.38 -2.23 -11.23
N GLY A 131 -32.40 -3.03 -11.68
CA GLY A 131 -31.78 -4.05 -10.84
C GLY A 131 -30.31 -3.72 -10.58
N VAL A 132 -29.75 -4.27 -9.52
CA VAL A 132 -28.31 -4.12 -9.23
C VAL A 132 -27.62 -5.48 -9.06
N ILE A 133 -26.35 -5.52 -9.46
CA ILE A 133 -25.47 -6.65 -9.24
C ILE A 133 -24.14 -6.14 -8.67
N GLY A 134 -23.84 -6.52 -7.44
CA GLY A 134 -22.65 -5.98 -6.79
C GLY A 134 -21.67 -7.09 -6.51
N PHE A 135 -20.38 -6.77 -6.53
CA PHE A 135 -19.32 -7.71 -6.24
C PHE A 135 -18.51 -7.18 -5.06
N SER A 136 -18.30 -8.00 -4.05
CA SER A 136 -17.52 -7.65 -2.87
C SER A 136 -18.08 -6.39 -2.19
N MET A 137 -17.30 -5.35 -1.98
CA MET A 137 -17.82 -4.09 -1.48
C MET A 137 -19.06 -3.69 -2.22
N GLY A 138 -19.03 -3.87 -3.52
CA GLY A 138 -20.15 -3.55 -4.39
C GLY A 138 -21.36 -4.35 -3.96
N ALA A 139 -21.16 -5.57 -3.49
CA ALA A 139 -22.29 -6.40 -3.05
C ALA A 139 -22.93 -5.85 -1.79
N LEU A 140 -22.11 -5.30 -0.87
CA LEU A 140 -22.64 -4.63 0.31
C LEU A 140 -23.50 -3.45 -0.10
N VAL A 141 -23.00 -2.68 -1.06
CA VAL A 141 -23.77 -1.53 -1.53
C VAL A 141 -25.09 -1.99 -2.18
N ALA A 142 -25.05 -3.07 -2.95
CA ALA A 142 -26.27 -3.62 -3.55
C ALA A 142 -27.32 -3.98 -2.46
N ILE A 143 -26.86 -4.66 -1.42
CA ILE A 143 -27.70 -5.03 -0.28
C ILE A 143 -28.29 -3.78 0.38
N ARG A 144 -27.45 -2.79 0.66
CA ARG A 144 -27.92 -1.56 1.27
C ARG A 144 -28.94 -0.89 0.33
N GLY A 145 -28.63 -0.83 -0.95
CA GLY A 145 -29.53 -0.22 -1.93
C GLY A 145 -30.89 -0.89 -1.99
N LEU A 146 -30.89 -2.22 -1.91
CA LEU A 146 -32.11 -2.99 -1.94
C LEU A 146 -33.00 -2.62 -0.74
N SER A 147 -32.35 -2.22 0.34
CA SER A 147 -33.05 -1.80 1.55
C SER A 147 -33.51 -0.35 1.46
N GLU A 148 -32.68 0.54 0.93
CA GLU A 148 -32.93 1.97 1.04
C GLU A 148 -33.39 2.68 -0.25
N VAL A 149 -33.04 2.14 -1.41
CA VAL A 149 -33.42 2.77 -2.66
C VAL A 149 -34.65 2.10 -3.25
N LYS A 150 -35.76 2.82 -3.23
CA LYS A 150 -37.05 2.21 -3.54
C LYS A 150 -37.21 1.81 -4.98
N GLU A 151 -36.53 2.52 -5.88
CA GLU A 151 -36.71 2.28 -7.32
C GLU A 151 -35.99 1.00 -7.79
N ILE A 152 -35.14 0.45 -6.93
CA ILE A 152 -34.42 -0.78 -7.23
C ILE A 152 -35.32 -1.97 -6.97
N CYS A 153 -35.57 -2.78 -7.99
CA CYS A 153 -36.56 -3.82 -7.78
C CYS A 153 -35.97 -5.16 -7.35
N CYS A 154 -34.68 -5.36 -7.59
CA CYS A 154 -34.07 -6.61 -7.19
C CYS A 154 -32.54 -6.48 -7.22
N GLY A 155 -31.85 -7.41 -6.57
CA GLY A 155 -30.42 -7.32 -6.43
C GLY A 155 -29.69 -8.64 -6.36
N VAL A 156 -28.49 -8.65 -6.94
CA VAL A 156 -27.56 -9.75 -6.83
C VAL A 156 -26.33 -9.30 -6.01
N ALA A 157 -25.99 -10.05 -4.97
CA ALA A 157 -24.83 -9.74 -4.14
C ALA A 157 -23.84 -10.91 -4.14
N ASP A 158 -22.79 -10.74 -4.93
CA ASP A 158 -21.74 -11.75 -5.10
C ASP A 158 -20.61 -11.45 -4.13
N SER A 159 -20.38 -12.36 -3.18
CA SER A 159 -19.33 -12.28 -2.16
C SER A 159 -19.42 -11.06 -1.23
N PRO A 160 -20.60 -10.76 -0.66
CA PRO A 160 -20.67 -9.60 0.22
C PRO A 160 -19.96 -9.87 1.53
N PRO A 161 -19.08 -8.95 1.96
CA PRO A 161 -18.51 -9.03 3.31
C PRO A 161 -19.59 -8.80 4.35
N ILE A 162 -20.00 -9.84 5.04
CA ILE A 162 -21.05 -9.71 6.05
C ILE A 162 -20.45 -9.18 7.35
N TYR A 163 -19.30 -9.73 7.74
CA TYR A 163 -18.56 -9.25 8.91
C TYR A 163 -17.32 -8.49 8.47
N LEU A 164 -17.48 -7.19 8.28
CA LEU A 164 -16.44 -6.34 7.71
C LEU A 164 -15.12 -6.41 8.48
N ASP A 165 -15.18 -6.30 9.80
CA ASP A 165 -13.97 -6.37 10.64
C ASP A 165 -13.27 -7.72 10.52
N LYS A 166 -14.03 -8.80 10.48
CA LYS A 166 -13.48 -10.13 10.26
C LYS A 166 -12.80 -10.25 8.88
N THR A 167 -13.46 -9.71 7.86
CA THR A 167 -12.96 -9.74 6.50
C THR A 167 -11.63 -8.97 6.38
N GLY A 168 -11.57 -7.77 6.96
CA GLY A 168 -10.33 -7.01 6.99
C GLY A 168 -9.17 -7.75 7.65
N ALA A 169 -9.47 -8.47 8.72
CA ALA A 169 -8.43 -9.18 9.45
C ALA A 169 -7.91 -10.39 8.68
N ARG A 170 -8.76 -10.96 7.81
CA ARG A 170 -8.31 -12.04 6.95
C ARG A 170 -7.38 -11.47 5.90
N GLY A 171 -7.75 -10.29 5.38
CA GLY A 171 -6.94 -9.61 4.40
C GLY A 171 -5.56 -9.36 4.96
N MET A 172 -5.52 -8.94 6.21
CA MET A 172 -4.28 -8.68 6.94
C MET A 172 -3.36 -9.88 7.09
N LYS A 173 -3.91 -11.04 7.45
CA LYS A 173 -3.11 -12.26 7.48
C LYS A 173 -2.38 -12.53 6.15
N TYR A 174 -2.99 -12.10 5.04
CA TYR A 174 -2.36 -12.31 3.73
C TYR A 174 -1.35 -11.22 3.42
N PHE A 175 -1.67 -9.98 3.73
CA PHE A 175 -0.72 -8.86 3.54
C PHE A 175 0.62 -9.13 4.26
N ALA A 176 0.55 -9.87 5.36
CA ALA A 176 1.73 -10.17 6.17
C ALA A 176 2.67 -11.14 5.47
N LYS A 177 2.28 -11.69 4.36
CA LYS A 177 3.14 -12.58 3.63
C LYS A 177 4.02 -11.80 2.68
N LEU A 178 3.67 -10.56 2.44
CA LEU A 178 4.42 -9.69 1.56
C LEU A 178 5.80 -9.33 2.05
N PRO A 179 6.72 -9.15 1.15
CA PRO A 179 8.00 -8.60 1.53
C PRO A 179 7.77 -7.22 2.11
N GLU A 180 8.73 -6.84 2.91
CA GLU A 180 8.79 -5.60 3.70
C GLU A 180 8.44 -4.29 2.98
N TRP A 181 9.10 -3.99 1.86
CA TRP A 181 8.85 -2.73 1.16
C TRP A 181 7.49 -2.69 0.44
N LEU A 182 7.14 -3.80 -0.20
CA LEU A 182 5.83 -3.92 -0.87
C LEU A 182 4.73 -3.72 0.16
N TYR A 183 4.89 -4.35 1.33
CA TYR A 183 3.95 -4.12 2.42
C TYR A 183 3.80 -2.64 2.76
N SER A 184 4.90 -1.89 2.73
CA SER A 184 4.86 -0.48 3.08
C SER A 184 3.93 0.29 2.14
N PHE A 185 4.02 -0.04 0.86
CA PHE A 185 3.23 0.57 -0.21
C PHE A 185 1.74 0.31 -0.07
N VAL A 186 1.38 -0.91 0.35
CA VAL A 186 -0.04 -1.27 0.41
C VAL A 186 -0.60 -1.20 1.81
N LYS A 187 0.25 -0.92 2.79
CA LYS A 187 -0.24 -0.86 4.18
C LYS A 187 -1.46 0.07 4.40
N PRO A 188 -1.47 1.29 3.82
CA PRO A 188 -2.63 2.17 4.05
C PRO A 188 -3.98 1.56 3.62
N PHE A 189 -3.96 0.72 2.59
CA PHE A 189 -5.20 0.17 2.05
C PHE A 189 -5.71 -1.01 2.88
N SER A 190 -4.86 -1.54 3.77
CA SER A 190 -5.35 -2.47 4.77
C SER A 190 -5.98 -1.70 5.93
N VAL A 201 -24.11 -5.18 9.24
CA VAL A 201 -24.69 -5.51 7.97
C VAL A 201 -25.91 -6.40 8.13
N LEU A 202 -25.99 -7.15 9.20
CA LEU A 202 -27.13 -8.00 9.46
C LEU A 202 -28.38 -7.26 9.82
N ASN A 203 -28.25 -6.01 10.19
CA ASN A 203 -29.39 -5.17 10.40
C ASN A 203 -30.19 -4.99 9.15
N TYR A 204 -29.58 -5.17 7.98
CA TYR A 204 -30.36 -5.11 6.73
C TYR A 204 -31.21 -6.35 6.49
N THR A 205 -31.01 -7.40 7.26
CA THR A 205 -31.81 -8.63 7.09
C THR A 205 -33.27 -8.42 7.47
N ASN A 206 -33.54 -7.33 8.17
CA ASN A 206 -34.90 -7.09 8.65
C ASN A 206 -35.66 -6.09 7.77
N SER A 207 -34.94 -5.37 6.92
CA SER A 207 -35.54 -4.32 6.10
C SER A 207 -35.63 -4.67 4.61
N ILE A 208 -34.92 -5.71 4.18
CA ILE A 208 -34.95 -6.09 2.77
C ILE A 208 -36.09 -7.06 2.45
N LYS A 209 -37.07 -6.59 1.69
CA LYS A 209 -38.23 -7.43 1.36
C LYS A 209 -38.41 -7.54 -0.16
N LYS A 210 -37.31 -7.34 -0.85
CA LYS A 210 -37.25 -7.46 -2.31
C LYS A 210 -36.30 -8.59 -2.71
N PRO A 211 -36.50 -9.17 -3.91
CA PRO A 211 -35.69 -10.31 -4.37
C PRO A 211 -34.20 -10.04 -4.29
N LEU A 212 -33.47 -10.95 -3.67
CA LEU A 212 -32.03 -10.83 -3.45
C LEU A 212 -31.39 -12.18 -3.74
N PHE A 213 -30.41 -12.17 -4.64
CA PHE A 213 -29.65 -13.37 -4.98
C PHE A 213 -28.25 -13.30 -4.37
N LEU A 214 -28.01 -14.04 -3.29
CA LEU A 214 -26.70 -14.08 -2.63
C LEU A 214 -25.82 -15.16 -3.22
N ILE A 215 -24.54 -14.83 -3.44
CA ILE A 215 -23.59 -15.79 -3.98
C ILE A 215 -22.31 -15.81 -3.13
N ILE A 216 -21.91 -16.99 -2.67
CA ILE A 216 -20.69 -17.11 -1.90
C ILE A 216 -19.90 -18.36 -2.31
N GLY A 217 -18.59 -18.24 -2.43
CA GLY A 217 -17.76 -19.37 -2.78
C GLY A 217 -17.14 -20.04 -1.56
N ARG A 218 -17.13 -21.38 -1.54
CA ARG A 218 -16.46 -22.14 -0.48
C ARG A 218 -14.96 -21.79 -0.35
N ARG A 219 -14.33 -21.42 -1.45
CA ARG A 219 -12.89 -21.13 -1.48
C ARG A 219 -12.55 -19.67 -1.14
N ASP A 220 -13.55 -18.89 -0.76
CA ASP A 220 -13.37 -17.46 -0.49
C ASP A 220 -12.50 -17.22 0.76
N THR A 221 -11.34 -16.57 0.59
CA THR A 221 -10.44 -16.32 1.70
C THR A 221 -10.75 -15.07 2.52
N LEU A 222 -11.74 -14.31 2.10
CA LEU A 222 -12.11 -13.08 2.80
C LEU A 222 -13.49 -13.14 3.46
N VAL A 223 -14.41 -13.90 2.87
CA VAL A 223 -15.77 -14.03 3.40
C VAL A 223 -16.10 -15.50 3.57
N LYS A 224 -16.65 -15.85 4.73
CA LYS A 224 -17.05 -17.23 5.03
C LYS A 224 -18.45 -17.54 4.49
N VAL A 225 -18.61 -18.74 3.93
CA VAL A 225 -19.91 -19.21 3.49
C VAL A 225 -20.92 -19.09 4.65
N GLU A 226 -20.44 -19.40 5.87
CA GLU A 226 -21.28 -19.39 7.09
C GLU A 226 -21.84 -18.00 7.39
N GLU A 227 -21.05 -17.00 7.06
CA GLU A 227 -21.40 -15.61 7.30
C GLU A 227 -22.49 -15.17 6.34
N VAL A 228 -22.40 -15.60 5.09
CA VAL A 228 -23.39 -15.20 4.11
C VAL A 228 -24.67 -16.00 4.37
N GLN A 229 -24.50 -17.23 4.84
CA GLN A 229 -25.60 -18.10 5.27
C GLN A 229 -26.39 -17.50 6.43
N GLU A 230 -25.67 -16.95 7.41
CA GLU A 230 -26.34 -16.24 8.50
C GLU A 230 -27.23 -15.10 7.99
N PHE A 231 -26.74 -14.36 7.00
CA PHE A 231 -27.50 -13.26 6.41
C PHE A 231 -28.75 -13.80 5.75
N TYR A 232 -28.55 -14.82 4.92
CA TYR A 232 -29.61 -15.48 4.20
C TYR A 232 -30.71 -15.95 5.15
N GLU A 233 -30.31 -16.64 6.22
CA GLU A 233 -31.28 -17.26 7.13
C GLU A 233 -32.10 -16.19 7.86
N ARG A 234 -31.43 -15.13 8.30
CA ARG A 234 -32.14 -14.06 8.99
C ARG A 234 -33.08 -13.31 8.05
N ASN A 235 -32.64 -13.01 6.83
CA ASN A 235 -33.48 -12.22 5.92
C ASN A 235 -34.71 -12.99 5.45
N LYS A 236 -34.63 -14.32 5.36
CA LYS A 236 -35.77 -15.07 4.86
C LYS A 236 -36.94 -15.08 5.85
N HIS A 237 -36.71 -14.63 7.08
CA HIS A 237 -37.81 -14.44 8.03
C HIS A 237 -38.80 -13.43 7.45
N VAL A 238 -38.28 -12.47 6.68
CA VAL A 238 -39.09 -11.37 6.19
C VAL A 238 -39.11 -11.29 4.65
N ASN A 239 -38.31 -12.10 4.00
CA ASN A 239 -38.16 -12.01 2.55
C ASN A 239 -38.33 -13.36 1.91
N PRO A 240 -39.49 -13.60 1.25
CA PRO A 240 -39.65 -14.93 0.65
C PRO A 240 -38.79 -15.14 -0.61
N ASN A 241 -38.27 -14.06 -1.17
CA ASN A 241 -37.54 -14.16 -2.44
C ASN A 241 -36.02 -13.88 -2.27
N VAL A 242 -35.49 -14.20 -1.10
CA VAL A 242 -34.04 -14.23 -0.93
C VAL A 242 -33.58 -15.63 -1.30
N GLU A 243 -32.53 -15.73 -2.11
CA GLU A 243 -31.97 -17.01 -2.52
C GLU A 243 -30.47 -17.01 -2.23
N LEU A 244 -29.91 -18.19 -1.99
CA LEU A 244 -28.48 -18.33 -1.72
C LEU A 244 -27.88 -19.39 -2.63
N TRP A 245 -26.81 -19.02 -3.33
CA TRP A 245 -26.06 -19.97 -4.14
C TRP A 245 -24.63 -20.11 -3.58
N VAL A 246 -24.30 -21.31 -3.13
CA VAL A 246 -22.97 -21.55 -2.61
C VAL A 246 -22.13 -22.25 -3.67
N THR A 247 -20.98 -21.64 -4.00
CA THR A 247 -20.20 -22.12 -5.13
C THR A 247 -18.83 -22.62 -4.68
N ASP A 248 -18.12 -23.24 -5.61
CA ASP A 248 -16.78 -23.78 -5.32
C ASP A 248 -15.70 -22.80 -5.76
N ALA A 249 -16.01 -21.51 -5.74
CA ALA A 249 -15.12 -20.52 -6.33
C ALA A 249 -14.50 -19.63 -5.26
N PRO A 250 -13.41 -18.93 -5.63
CA PRO A 250 -12.82 -17.92 -4.73
C PRO A 250 -13.52 -16.56 -4.81
N HIS A 251 -13.12 -15.63 -3.96
CA HIS A 251 -13.76 -14.31 -3.84
C HIS A 251 -14.06 -13.71 -5.21
N VAL A 252 -15.32 -13.27 -5.39
CA VAL A 252 -15.90 -12.71 -6.62
C VAL A 252 -15.47 -13.38 -7.93
N ARG A 253 -15.02 -14.62 -7.86
CA ARG A 253 -14.57 -15.27 -9.09
C ARG A 253 -15.48 -16.41 -9.51
N THR A 254 -16.70 -16.44 -8.98
CA THR A 254 -17.64 -17.49 -9.43
C THR A 254 -17.91 -17.27 -10.92
N ILE A 255 -17.95 -15.99 -11.34
CA ILE A 255 -18.29 -15.68 -12.73
C ILE A 255 -17.13 -16.06 -13.66
N GLN A 256 -15.91 -16.07 -13.12
CA GLN A 256 -14.74 -16.47 -13.88
C GLN A 256 -14.57 -17.99 -13.97
N VAL A 257 -14.79 -18.68 -12.86
CA VAL A 257 -14.59 -20.13 -12.83
C VAL A 257 -15.77 -20.88 -13.43
N PHE A 258 -16.98 -20.37 -13.21
CA PHE A 258 -18.18 -21.01 -13.75
C PHE A 258 -19.04 -20.00 -14.48
N PRO A 259 -18.55 -19.50 -15.63
CA PRO A 259 -19.25 -18.39 -16.26
C PRO A 259 -20.63 -18.82 -16.76
N GLU A 260 -20.73 -19.98 -17.38
CA GLU A 260 -22.01 -20.46 -17.91
C GLU A 260 -23.09 -20.55 -16.81
N GLU A 261 -22.76 -21.21 -15.70
CA GLU A 261 -23.71 -21.40 -14.62
C GLU A 261 -24.07 -20.10 -13.89
N TRP A 262 -23.08 -19.22 -13.71
CA TRP A 262 -23.30 -17.92 -13.10
C TRP A 262 -24.30 -17.15 -13.96
N LYS A 263 -24.04 -17.10 -15.26
CA LYS A 263 -24.89 -16.34 -16.16
C LYS A 263 -26.27 -16.95 -16.30
N SER A 264 -26.37 -18.28 -16.23
CA SER A 264 -27.66 -18.94 -16.28
C SER A 264 -28.51 -18.57 -15.07
N ARG A 265 -27.96 -18.76 -13.87
CA ARG A 265 -28.71 -18.50 -12.64
C ARG A 265 -29.10 -17.03 -12.44
N VAL A 266 -28.16 -16.11 -12.66
CA VAL A 266 -28.41 -14.69 -12.50
C VAL A 266 -29.39 -14.20 -13.57
N GLY A 267 -29.18 -14.66 -14.80
CA GLY A 267 -30.05 -14.33 -15.92
C GLY A 267 -31.47 -14.75 -15.65
N GLU A 268 -31.63 -15.94 -15.08
CA GLU A 268 -32.95 -16.44 -14.72
C GLU A 268 -33.54 -15.58 -13.58
N PHE A 269 -32.73 -15.29 -12.56
CA PHE A 269 -33.13 -14.41 -11.46
C PHE A 269 -33.59 -13.04 -11.97
N LEU A 270 -32.78 -12.44 -12.83
CA LEU A 270 -33.10 -11.14 -13.39
C LEU A 270 -34.37 -11.21 -14.25
N LYS A 271 -34.44 -12.20 -15.13
CA LYS A 271 -35.59 -12.34 -16.03
C LYS A 271 -36.91 -12.42 -15.23
N ARG A 272 -36.86 -13.13 -14.11
CA ARG A 272 -38.05 -13.32 -13.26
C ARG A 272 -38.53 -12.04 -12.58
N TRP A 273 -37.62 -11.21 -12.11
CA TRP A 273 -38.01 -10.08 -11.27
C TRP A 273 -37.97 -8.74 -11.97
N MET A 274 -37.27 -8.66 -13.11
CA MET A 274 -37.13 -7.39 -13.83
C MET A 274 -38.35 -7.19 -14.74
N GLY A 275 -39.09 -8.27 -14.96
CA GLY A 275 -40.41 -8.16 -15.58
C GLY A 275 -40.45 -8.41 -17.07
N VAL B 12 6.94 6.14 -8.47
CA VAL B 12 5.97 6.15 -7.38
C VAL B 12 6.67 6.08 -6.01
N ASN B 13 6.51 7.14 -5.22
CA ASN B 13 7.10 7.20 -3.88
C ASN B 13 6.31 6.37 -2.87
N PRO B 14 6.96 5.85 -1.85
CA PRO B 14 6.23 5.14 -0.82
C PRO B 14 5.50 6.09 0.08
N PRO B 15 4.47 5.60 0.74
CA PRO B 15 3.69 6.40 1.68
C PRO B 15 4.59 7.04 2.72
N ARG B 16 4.29 8.28 3.09
CA ARG B 16 5.07 8.97 4.05
C ARG B 16 4.74 8.45 5.43
N VAL B 17 5.76 8.08 6.18
CA VAL B 17 5.58 7.58 7.52
C VAL B 17 6.15 8.58 8.52
N VAL B 18 5.34 8.99 9.48
CA VAL B 18 5.76 9.95 10.49
C VAL B 18 5.35 9.43 11.85
N GLY B 19 6.29 9.34 12.79
CA GLY B 19 5.98 8.83 14.12
C GLY B 19 5.55 9.94 15.05
N ASN B 20 5.32 9.61 16.32
CA ASN B 20 4.82 10.57 17.30
C ASN B 20 5.82 11.03 18.36
N TRP B 21 6.92 10.30 18.52
CA TRP B 21 7.87 10.60 19.57
C TRP B 21 8.86 11.68 19.14
N THR B 22 9.53 12.28 20.13
CA THR B 22 10.51 13.33 19.88
C THR B 22 11.75 13.10 20.79
N PRO B 23 12.87 13.77 20.50
CA PRO B 23 14.01 13.64 21.44
C PRO B 23 13.65 13.99 22.90
N LYS B 24 12.56 14.73 23.10
CA LYS B 24 12.10 15.09 24.44
C LYS B 24 11.69 13.84 25.23
N ASP B 25 11.18 12.85 24.53
CA ASP B 25 10.79 11.58 25.15
C ASP B 25 12.04 10.85 25.65
N LEU B 26 13.17 11.11 25.00
CA LEU B 26 14.48 10.58 25.41
C LEU B 26 15.17 11.48 26.43
N SER B 27 14.45 12.48 26.94
CA SER B 27 15.00 13.45 27.89
C SER B 27 16.11 14.33 27.30
N PHE B 28 15.93 14.73 26.04
CA PHE B 28 16.80 15.73 25.42
C PHE B 28 16.02 16.88 24.81
N GLU B 29 16.56 18.09 24.95
CA GLU B 29 16.10 19.22 24.15
C GLU B 29 16.59 19.00 22.73
N TYR B 30 15.85 19.53 21.75
CA TYR B 30 16.19 19.37 20.33
C TYR B 30 15.73 20.59 19.53
N LYS B 31 16.20 20.72 18.29
CA LYS B 31 15.70 21.74 17.39
C LYS B 31 15.14 21.04 16.17
N ASP B 32 13.96 21.47 15.74
CA ASP B 32 13.48 21.08 14.42
C ASP B 32 14.22 21.93 13.40
N VAL B 33 14.86 21.32 12.43
CA VAL B 33 15.68 22.09 11.48
C VAL B 33 15.37 21.75 10.03
N GLU B 34 15.69 22.67 9.14
CA GLU B 34 15.50 22.51 7.72
C GLU B 34 16.84 22.53 7.00
N ILE B 35 17.13 21.46 6.27
CA ILE B 35 18.38 21.32 5.57
C ILE B 35 18.13 21.35 4.07
N THR B 36 18.82 22.26 3.37
CA THR B 36 18.62 22.34 1.93
C THR B 36 19.81 21.75 1.17
N THR B 37 19.50 20.89 0.20
CA THR B 37 20.49 20.14 -0.56
C THR B 37 21.08 20.94 -1.71
N GLU B 38 22.17 20.42 -2.27
CA GLU B 38 22.76 20.97 -3.50
C GLU B 38 21.73 21.16 -4.60
N ASP B 39 20.77 20.24 -4.71
CA ASP B 39 19.74 20.37 -5.73
C ASP B 39 18.41 20.90 -5.18
N ASN B 40 18.49 21.73 -4.13
CA ASN B 40 17.35 22.51 -3.61
C ASN B 40 16.17 21.69 -3.12
N VAL B 41 16.45 20.53 -2.55
CA VAL B 41 15.43 19.80 -1.83
C VAL B 41 15.49 20.21 -0.36
N LYS B 42 14.34 20.50 0.24
CA LYS B 42 14.33 20.89 1.65
C LYS B 42 14.06 19.69 2.54
N LEU B 43 15.05 19.35 3.37
CA LEU B 43 14.93 18.21 4.27
C LEU B 43 14.51 18.64 5.66
N SER B 44 13.73 17.80 6.32
CA SER B 44 13.30 18.02 7.69
C SER B 44 14.09 17.13 8.63
N GLY B 45 14.59 17.70 9.72
CA GLY B 45 15.40 16.93 10.66
C GLY B 45 15.43 17.48 12.08
N TRP B 46 16.05 16.71 12.97
CA TRP B 46 16.29 17.11 14.35
C TRP B 46 17.79 17.36 14.55
N TRP B 47 18.12 18.46 15.19
CA TRP B 47 19.46 18.69 15.69
C TRP B 47 19.39 18.48 17.20
N ILE B 48 20.13 17.50 17.69
CA ILE B 48 20.13 17.20 19.12
C ILE B 48 21.52 17.46 19.70
N ASP B 49 21.62 18.56 20.43
CA ASP B 49 22.88 19.01 21.03
C ASP B 49 23.16 18.24 22.31
N ASN B 50 24.26 17.50 22.35
CA ASN B 50 24.59 16.70 23.54
C ASN B 50 25.82 17.23 24.25
N GLY B 51 26.23 18.45 23.93
CA GLY B 51 27.39 19.06 24.57
C GLY B 51 28.72 18.48 24.12
N SER B 52 28.72 17.80 22.97
CA SER B 52 29.90 17.13 22.45
C SER B 52 30.53 17.90 21.29
N ASP B 53 31.76 17.57 20.91
CA ASP B 53 32.31 18.09 19.66
C ASP B 53 32.16 17.06 18.53
N LYS B 54 31.47 15.97 18.83
CA LYS B 54 31.26 14.93 17.84
C LYS B 54 29.78 14.68 17.57
N THR B 55 29.45 14.46 16.30
CA THR B 55 28.08 14.20 15.86
C THR B 55 28.02 12.89 15.07
N VAL B 56 27.02 12.05 15.33
CA VAL B 56 26.76 10.90 14.49
C VAL B 56 25.41 11.12 13.80
N ILE B 57 25.36 10.87 12.49
CA ILE B 57 24.14 11.00 11.69
C ILE B 57 23.58 9.62 11.39
N PRO B 58 22.43 9.29 11.98
CA PRO B 58 21.77 8.00 11.67
C PRO B 58 20.84 8.11 10.47
N LEU B 59 21.03 7.22 9.49
CA LEU B 59 20.32 7.29 8.23
C LEU B 59 19.32 6.16 8.12
N HIS B 60 18.06 6.49 7.84
CA HIS B 60 16.98 5.49 7.90
C HIS B 60 16.83 4.73 6.58
N GLY B 61 15.89 3.78 6.54
CA GLY B 61 15.71 2.94 5.35
C GLY B 61 14.57 3.40 4.42
N TYR B 62 14.57 2.82 3.22
CA TYR B 62 13.51 3.01 2.23
C TYR B 62 12.12 2.73 2.81
N THR B 63 11.16 3.59 2.48
CA THR B 63 9.77 3.56 3.00
C THR B 63 9.67 3.89 4.49
N SER B 64 10.81 4.19 5.11
CA SER B 64 10.81 4.51 6.52
C SER B 64 11.03 6.02 6.76
N SER B 65 11.51 6.37 7.96
CA SER B 65 11.81 7.75 8.32
C SER B 65 12.60 7.79 9.63
N ARG B 66 12.86 8.99 10.16
CA ARG B 66 13.73 9.11 11.34
C ARG B 66 13.09 8.50 12.60
N TRP B 67 11.77 8.30 12.56
CA TRP B 67 11.01 7.81 13.71
C TRP B 67 11.05 6.28 13.91
N ALA B 68 11.49 5.52 12.90
CA ALA B 68 11.32 4.05 12.88
C ALA B 68 11.59 3.41 14.24
N GLU B 69 10.54 2.84 14.83
CA GLU B 69 10.59 2.37 16.20
C GLU B 69 11.48 1.16 16.40
N HIS B 70 11.62 0.31 15.38
CA HIS B 70 12.43 -0.88 15.59
C HIS B 70 13.95 -0.66 15.40
N TYR B 71 14.38 0.48 14.85
CA TYR B 71 15.83 0.71 14.76
C TYR B 71 16.26 2.17 14.90
N MET B 72 15.48 3.11 14.40
CA MET B 72 15.88 4.53 14.54
C MET B 72 15.75 5.06 15.97
N ARG B 73 14.68 4.76 16.65
CA ARG B 73 14.56 5.19 18.04
C ARG B 73 15.65 4.61 18.94
N PRO B 74 15.92 3.32 18.83
CA PRO B 74 17.00 2.73 19.59
C PRO B 74 18.35 3.30 19.24
N VAL B 75 18.65 3.53 17.99
CA VAL B 75 19.99 4.02 17.68
C VAL B 75 20.16 5.48 18.10
N ILE B 76 19.10 6.27 18.02
CA ILE B 76 19.20 7.65 18.46
C ILE B 76 19.41 7.70 19.99
N GLU B 77 18.64 6.89 20.73
CA GLU B 77 18.77 6.80 22.17
C GLU B 77 20.15 6.27 22.58
N PHE B 78 20.63 5.28 21.84
CA PHE B 78 21.99 4.77 22.02
C PHE B 78 23.06 5.82 21.75
N LEU B 79 22.93 6.57 20.66
CA LEU B 79 23.93 7.59 20.35
C LEU B 79 23.97 8.67 21.43
N LEU B 80 22.80 9.10 21.88
CA LEU B 80 22.72 10.12 22.91
C LEU B 80 23.34 9.62 24.22
N LYS B 81 23.04 8.36 24.56
CA LYS B 81 23.61 7.73 25.74
C LYS B 81 25.13 7.73 25.66
N GLU B 82 25.66 7.34 24.51
CA GLU B 82 27.11 7.32 24.28
C GLU B 82 27.74 8.71 24.34
N GLY B 83 26.94 9.76 24.30
CA GLY B 83 27.45 11.10 24.45
C GLY B 83 27.66 11.92 23.19
N TYR B 84 27.29 11.36 22.03
CA TYR B 84 27.46 12.11 20.77
C TYR B 84 26.31 13.10 20.58
N ASN B 85 26.56 14.16 19.82
CA ASN B 85 25.47 14.96 19.27
C ASN B 85 24.79 14.16 18.16
N VAL B 86 23.52 14.45 17.87
CA VAL B 86 22.82 13.71 16.81
C VAL B 86 22.13 14.64 15.82
N LEU B 87 22.49 14.51 14.54
CA LEU B 87 21.64 15.07 13.47
C LEU B 87 20.88 13.93 12.81
N ALA B 88 19.54 13.98 12.84
CA ALA B 88 18.73 12.90 12.27
C ALA B 88 17.63 13.49 11.40
N PHE B 89 17.70 13.22 10.10
CA PHE B 89 16.79 13.84 9.15
C PHE B 89 16.08 12.76 8.33
N ASP B 90 14.96 13.12 7.70
CA ASP B 90 14.28 12.22 6.77
C ASP B 90 14.91 12.36 5.40
N PHE B 91 15.23 11.24 4.74
CA PHE B 91 15.60 11.29 3.34
C PHE B 91 14.50 11.96 2.52
N ARG B 92 14.90 12.52 1.38
CA ARG B 92 13.96 13.18 0.47
C ARG B 92 12.78 12.28 0.14
N ALA B 93 11.61 12.90 0.00
CA ALA B 93 10.34 12.20 -0.26
C ALA B 93 9.91 11.28 0.89
N HIS B 94 10.65 11.30 2.00
CA HIS B 94 10.26 10.51 3.17
C HIS B 94 9.88 11.40 4.35
N GLY B 95 9.19 10.81 5.33
CA GLY B 95 8.83 11.51 6.56
C GLY B 95 8.27 12.90 6.28
N LYS B 96 8.94 13.93 6.78
CA LYS B 96 8.50 15.30 6.57
C LYS B 96 9.33 16.03 5.53
N SER B 97 10.33 15.36 4.98
CA SER B 97 11.24 16.01 4.05
C SER B 97 10.60 16.26 2.68
N GLY B 98 11.01 17.33 2.03
CA GLY B 98 10.58 17.64 0.67
C GLY B 98 11.23 16.76 -0.37
N GLY B 99 11.12 17.16 -1.64
CA GLY B 99 11.64 16.39 -2.75
C GLY B 99 10.55 15.53 -3.37
N LYS B 100 10.40 15.61 -4.70
CA LYS B 100 9.31 14.93 -5.38
C LYS B 100 9.57 13.44 -5.52
N TYR B 101 10.85 13.05 -5.56
CA TYR B 101 11.21 11.65 -5.78
C TYR B 101 12.32 11.09 -4.87
N THR B 102 12.09 9.88 -4.37
CA THR B 102 13.18 9.12 -3.75
C THR B 102 13.96 8.41 -4.85
N THR B 103 15.28 8.30 -4.73
CA THR B 103 16.04 7.55 -5.71
C THR B 103 16.79 6.39 -5.07
N VAL B 104 16.25 5.90 -3.95
CA VAL B 104 16.74 4.72 -3.22
C VAL B 104 18.26 4.55 -3.16
N GLY B 105 18.98 5.65 -2.94
CA GLY B 105 20.41 5.56 -2.72
C GLY B 105 21.28 6.34 -3.67
N ASP B 106 20.66 6.86 -4.73
CA ASP B 106 21.39 7.65 -5.73
C ASP B 106 21.52 9.11 -5.31
N LYS B 107 20.47 9.90 -5.48
CA LYS B 107 20.55 11.32 -5.13
C LYS B 107 20.59 11.55 -3.61
N GLU B 108 20.28 10.50 -2.85
CA GLU B 108 20.27 10.61 -1.39
C GLU B 108 21.66 10.88 -0.86
N ILE B 109 22.69 10.69 -1.68
CA ILE B 109 24.03 11.08 -1.23
C ILE B 109 24.06 12.59 -1.00
N LEU B 110 23.24 13.32 -1.74
CA LEU B 110 23.15 14.78 -1.60
C LEU B 110 22.48 15.16 -0.29
N ASP B 111 21.53 14.33 0.16
CA ASP B 111 20.92 14.51 1.47
C ASP B 111 21.99 14.42 2.56
N LEU B 112 22.82 13.39 2.51
CA LEU B 112 23.85 13.24 3.53
C LEU B 112 24.83 14.41 3.44
N LYS B 113 25.23 14.75 2.21
CA LYS B 113 26.20 15.83 1.98
C LYS B 113 25.71 17.15 2.59
N ALA B 114 24.44 17.46 2.36
CA ALA B 114 23.82 18.66 2.89
C ALA B 114 23.78 18.64 4.42
N GLY B 115 23.53 17.48 5.01
CA GLY B 115 23.51 17.35 6.46
C GLY B 115 24.89 17.66 7.03
N VAL B 116 25.91 17.07 6.43
CA VAL B 116 27.29 17.35 6.82
C VAL B 116 27.60 18.84 6.68
N LYS B 117 27.27 19.41 5.52
CA LYS B 117 27.52 20.84 5.27
C LYS B 117 26.82 21.71 6.31
N TRP B 118 25.58 21.36 6.62
CA TRP B 118 24.78 22.09 7.59
C TRP B 118 25.46 22.08 8.97
N LEU B 119 26.04 20.94 9.35
CA LEU B 119 26.74 20.84 10.63
C LEU B 119 27.96 21.76 10.67
N LYS B 120 28.76 21.74 9.60
CA LYS B 120 29.96 22.57 9.53
C LYS B 120 29.64 24.06 9.42
N ASP B 121 28.55 24.39 8.72
CA ASP B 121 28.15 25.78 8.55
C ASP B 121 27.54 26.39 9.82
N ASN B 122 26.83 25.57 10.58
CA ASN B 122 26.05 26.06 11.72
C ASN B 122 26.63 25.72 13.08
N TYR B 123 27.23 24.53 13.20
CA TYR B 123 27.77 24.07 14.48
C TYR B 123 29.15 23.39 14.30
N PRO B 124 30.13 24.13 13.76
CA PRO B 124 31.45 23.54 13.49
C PRO B 124 32.07 22.91 14.73
N GLU B 125 31.99 23.62 15.86
CA GLU B 125 32.61 23.15 17.10
C GLU B 125 31.86 21.96 17.69
N LYS B 126 30.62 21.73 17.24
CA LYS B 126 29.83 20.59 17.68
C LYS B 126 29.97 19.40 16.72
N SER B 127 30.80 19.58 15.68
CA SER B 127 31.00 18.54 14.69
C SER B 127 32.44 18.54 14.16
N LYS B 128 33.40 18.63 15.08
CA LYS B 128 34.81 18.44 14.75
C LYS B 128 34.99 17.07 14.11
N ARG B 129 34.31 16.07 14.68
CA ARG B 129 34.32 14.70 14.18
C ARG B 129 32.88 14.31 13.82
N ILE B 130 32.68 13.71 12.65
CA ILE B 130 31.35 13.29 12.17
C ILE B 130 31.38 11.81 11.78
N GLY B 131 30.50 11.03 12.38
CA GLY B 131 30.37 9.62 12.07
C GLY B 131 28.97 9.39 11.52
N VAL B 132 28.77 8.24 10.88
CA VAL B 132 27.48 7.90 10.27
C VAL B 132 27.09 6.44 10.54
N ILE B 133 25.82 6.21 10.82
CA ILE B 133 25.23 4.87 10.94
C ILE B 133 24.05 4.78 9.99
N GLY B 134 24.10 3.84 9.05
CA GLY B 134 23.05 3.69 8.05
C GLY B 134 22.35 2.34 8.15
N PHE B 135 21.06 2.36 7.92
CA PHE B 135 20.25 1.14 7.85
C PHE B 135 19.59 1.00 6.47
N SER B 136 19.78 -0.16 5.85
CA SER B 136 19.18 -0.44 4.54
C SER B 136 19.68 0.59 3.52
N MET B 137 18.75 1.27 2.85
CA MET B 137 19.09 2.38 1.95
C MET B 137 20.08 3.37 2.59
N GLY B 138 19.83 3.73 3.85
CA GLY B 138 20.73 4.59 4.60
C GLY B 138 22.12 3.98 4.75
N ALA B 139 22.21 2.66 4.77
CA ALA B 139 23.50 1.98 4.87
C ALA B 139 24.29 2.12 3.56
N LEU B 140 23.59 2.00 2.44
CA LEU B 140 24.16 2.29 1.13
C LEU B 140 24.72 3.72 1.08
N VAL B 141 23.90 4.65 1.52
CA VAL B 141 24.28 6.06 1.51
C VAL B 141 25.48 6.28 2.44
N ALA B 142 25.51 5.57 3.58
CA ALA B 142 26.63 5.66 4.51
C ALA B 142 27.94 5.29 3.81
N ILE B 143 27.92 4.13 3.13
CA ILE B 143 29.04 3.63 2.33
C ILE B 143 29.50 4.69 1.34
N ARG B 144 28.57 5.23 0.56
CA ARG B 144 28.90 6.24 -0.45
C ARG B 144 29.48 7.49 0.20
N GLY B 145 28.86 7.94 1.29
CA GLY B 145 29.35 9.10 2.03
C GLY B 145 30.76 8.89 2.54
N LEU B 146 31.02 7.68 3.05
CA LEU B 146 32.32 7.34 3.64
C LEU B 146 33.42 7.39 2.60
N SER B 147 33.04 7.17 1.35
CA SER B 147 33.92 7.26 0.20
C SER B 147 34.04 8.69 -0.32
N GLU B 148 32.91 9.36 -0.48
CA GLU B 148 32.83 10.62 -1.22
C GLU B 148 32.78 11.90 -0.40
N VAL B 149 32.46 11.78 0.89
CA VAL B 149 32.32 12.93 1.78
C VAL B 149 33.48 12.97 2.78
N LYS B 150 34.45 13.87 2.58
CA LYS B 150 35.69 13.85 3.37
C LYS B 150 35.50 14.08 4.87
N GLU B 151 34.50 14.87 5.24
CA GLU B 151 34.29 15.22 6.64
C GLU B 151 33.86 14.04 7.51
N ILE B 152 33.47 12.95 6.86
CA ILE B 152 33.04 11.76 7.59
C ILE B 152 34.26 10.92 7.93
N CYS B 153 34.42 10.56 9.20
CA CYS B 153 35.64 9.88 9.61
C CYS B 153 35.44 8.37 9.68
N CYS B 154 34.22 7.96 10.02
CA CYS B 154 33.88 6.54 10.07
C CYS B 154 32.41 6.29 9.75
N GLY B 155 32.08 5.04 9.47
CA GLY B 155 30.72 4.66 9.08
C GLY B 155 30.35 3.26 9.51
N VAL B 156 29.07 3.11 9.87
CA VAL B 156 28.47 1.82 10.17
C VAL B 156 27.37 1.57 9.15
N ALA B 157 27.41 0.42 8.48
CA ALA B 157 26.43 0.10 7.44
C ALA B 157 25.73 -1.21 7.74
N ASP B 158 24.48 -1.09 8.20
CA ASP B 158 23.65 -2.22 8.64
C ASP B 158 22.68 -2.62 7.53
N SER B 159 22.83 -3.85 7.06
CA SER B 159 22.03 -4.37 5.96
C SER B 159 22.08 -3.52 4.68
N PRO B 160 23.29 -3.20 4.20
CA PRO B 160 23.38 -2.38 2.98
C PRO B 160 23.03 -3.17 1.71
N PRO B 161 22.18 -2.59 0.87
CA PRO B 161 21.89 -3.30 -0.38
C PRO B 161 23.12 -3.27 -1.31
N ILE B 162 23.62 -4.44 -1.71
CA ILE B 162 24.83 -4.48 -2.53
C ILE B 162 24.48 -4.61 -4.02
N TYR B 163 23.59 -5.54 -4.35
CA TYR B 163 23.03 -5.65 -5.69
C TYR B 163 21.61 -5.05 -5.66
N LEU B 164 21.49 -3.77 -5.97
CA LEU B 164 20.22 -3.05 -5.86
C LEU B 164 19.11 -3.67 -6.70
N ASP B 165 19.47 -4.18 -7.87
CA ASP B 165 18.50 -4.87 -8.71
C ASP B 165 17.88 -6.08 -8.00
N LYS B 166 18.70 -6.97 -7.44
CA LYS B 166 18.19 -8.18 -6.78
C LYS B 166 17.43 -7.82 -5.51
N THR B 167 18.02 -6.94 -4.71
CA THR B 167 17.41 -6.56 -3.44
C THR B 167 16.04 -5.92 -3.68
N GLY B 168 15.96 -5.10 -4.72
CA GLY B 168 14.72 -4.43 -5.04
C GLY B 168 13.67 -5.47 -5.39
N ALA B 169 14.08 -6.49 -6.14
CA ALA B 169 13.19 -7.57 -6.57
C ALA B 169 12.70 -8.37 -5.36
N ARG B 170 13.63 -8.72 -4.47
CA ARG B 170 13.31 -9.40 -3.22
C ARG B 170 12.29 -8.66 -2.35
N GLY B 171 12.35 -7.33 -2.34
CA GLY B 171 11.51 -6.54 -1.47
C GLY B 171 10.24 -6.00 -2.09
N MET B 172 10.14 -5.98 -3.42
CA MET B 172 8.98 -5.40 -4.10
C MET B 172 8.12 -6.43 -4.84
N LYS B 173 8.65 -7.63 -5.04
CA LYS B 173 7.91 -8.65 -5.80
C LYS B 173 7.28 -9.72 -4.90
N TYR B 174 6.09 -10.16 -5.28
CA TYR B 174 5.36 -11.22 -4.59
C TYR B 174 4.87 -12.21 -5.64
N PHE B 175 5.31 -13.47 -5.55
CA PHE B 175 5.06 -14.41 -6.63
C PHE B 175 3.89 -15.38 -6.41
N ALA B 176 3.32 -15.39 -5.21
CA ALA B 176 2.27 -16.37 -4.95
C ALA B 176 0.98 -15.97 -5.68
N LYS B 177 0.48 -16.86 -6.53
CA LYS B 177 -0.71 -16.57 -7.35
C LYS B 177 -2.03 -16.71 -6.57
N LEU B 178 -2.03 -17.45 -5.48
CA LEU B 178 -3.22 -17.72 -4.72
C LEU B 178 -3.13 -17.23 -3.31
N PRO B 179 -4.14 -16.54 -2.81
CA PRO B 179 -5.35 -16.13 -3.53
C PRO B 179 -5.06 -15.06 -4.60
N GLU B 180 -5.90 -15.04 -5.64
CA GLU B 180 -5.73 -14.11 -6.76
C GLU B 180 -5.90 -12.66 -6.34
N TRP B 181 -6.73 -12.40 -5.34
CA TRP B 181 -7.02 -11.01 -4.99
C TRP B 181 -5.74 -10.32 -4.48
N LEU B 182 -4.87 -11.08 -3.81
CA LEU B 182 -3.63 -10.53 -3.28
C LEU B 182 -2.62 -10.35 -4.41
N TYR B 183 -2.41 -11.40 -5.20
CA TYR B 183 -1.45 -11.31 -6.30
C TYR B 183 -1.79 -10.15 -7.23
N SER B 184 -3.05 -10.04 -7.61
CA SER B 184 -3.50 -8.98 -8.50
C SER B 184 -3.37 -7.60 -7.86
N PHE B 185 -3.75 -7.46 -6.60
CA PHE B 185 -3.73 -6.15 -5.98
C PHE B 185 -2.33 -5.58 -5.85
N VAL B 186 -1.34 -6.42 -5.59
CA VAL B 186 0.01 -5.89 -5.37
C VAL B 186 0.87 -5.86 -6.63
N LYS B 187 0.51 -6.63 -7.66
CA LYS B 187 1.36 -6.71 -8.84
C LYS B 187 1.75 -5.35 -9.46
N PRO B 188 0.80 -4.38 -9.55
CA PRO B 188 1.17 -3.06 -10.08
C PRO B 188 2.39 -2.42 -9.42
N PHE B 189 2.50 -2.50 -8.10
CA PHE B 189 3.59 -1.87 -7.37
C PHE B 189 4.97 -2.43 -7.73
N SER B 190 4.99 -3.57 -8.40
CA SER B 190 6.23 -4.28 -8.63
C SER B 190 6.97 -3.81 -9.89
N GLU B 191 6.76 -2.54 -10.26
CA GLU B 191 7.40 -1.95 -11.43
C GLU B 191 8.89 -1.64 -11.20
N ILE B 199 23.08 1.62 -9.63
CA ILE B 199 24.30 2.00 -8.92
C ILE B 199 25.22 0.80 -8.68
N ASN B 200 26.51 0.99 -8.94
CA ASN B 200 27.49 -0.08 -8.78
C ASN B 200 28.18 -0.04 -7.42
N VAL B 201 27.53 -0.60 -6.41
CA VAL B 201 28.00 -0.49 -5.02
C VAL B 201 29.38 -1.09 -4.77
N LEU B 202 29.68 -2.14 -5.52
CA LEU B 202 30.96 -2.82 -5.38
C LEU B 202 32.14 -1.97 -5.85
N ASN B 203 31.89 -1.00 -6.73
CA ASN B 203 32.95 -0.04 -7.10
C ASN B 203 33.52 0.67 -5.87
N TYR B 204 32.71 0.83 -4.83
CA TYR B 204 33.15 1.57 -3.64
C TYR B 204 34.17 0.81 -2.79
N THR B 205 34.34 -0.48 -3.05
CA THR B 205 35.31 -1.29 -2.34
C THR B 205 36.76 -0.89 -2.68
N ASN B 206 36.94 -0.17 -3.78
CA ASN B 206 38.27 0.28 -4.19
C ASN B 206 38.58 1.70 -3.71
N SER B 207 37.56 2.41 -3.22
CA SER B 207 37.71 3.82 -2.85
C SER B 207 37.53 4.10 -1.36
N ILE B 208 36.93 3.18 -0.62
CA ILE B 208 36.79 3.41 0.82
C ILE B 208 38.06 2.96 1.53
N LYS B 209 38.65 3.88 2.29
CA LYS B 209 39.89 3.60 3.03
C LYS B 209 39.74 3.98 4.50
N LYS B 210 38.54 4.43 4.85
CA LYS B 210 38.25 4.81 6.22
C LYS B 210 37.56 3.66 6.97
N PRO B 211 37.51 3.75 8.31
CA PRO B 211 36.89 2.64 9.05
C PRO B 211 35.41 2.44 8.71
N LEU B 212 35.07 1.18 8.39
CA LEU B 212 33.72 0.84 7.99
C LEU B 212 33.28 -0.45 8.67
N PHE B 213 32.13 -0.40 9.35
CA PHE B 213 31.61 -1.56 10.03
C PHE B 213 30.34 -2.08 9.34
N LEU B 214 30.49 -3.21 8.66
CA LEU B 214 29.38 -3.83 7.96
C LEU B 214 28.68 -4.82 8.90
N ILE B 215 27.35 -4.77 8.89
CA ILE B 215 26.52 -5.68 9.68
C ILE B 215 25.51 -6.33 8.74
N ILE B 216 25.43 -7.67 8.75
CA ILE B 216 24.42 -8.36 7.94
C ILE B 216 23.87 -9.59 8.66
N GLY B 217 22.54 -9.73 8.63
CA GLY B 217 21.85 -10.81 9.31
C GLY B 217 21.60 -12.04 8.47
N ARG B 218 21.73 -13.21 9.09
CA ARG B 218 21.51 -14.46 8.37
C ARG B 218 20.05 -14.67 7.97
N ARG B 219 19.15 -13.95 8.63
CA ARG B 219 17.73 -14.10 8.33
C ARG B 219 17.22 -12.99 7.42
N ASP B 220 18.15 -12.23 6.87
CA ASP B 220 17.82 -11.10 5.99
C ASP B 220 17.39 -11.62 4.61
N THR B 221 16.12 -11.40 4.23
CA THR B 221 15.61 -11.90 2.95
C THR B 221 15.78 -10.90 1.81
N LEU B 222 16.27 -9.71 2.12
CA LEU B 222 16.42 -8.66 1.12
C LEU B 222 17.87 -8.53 0.68
N VAL B 223 18.77 -8.74 1.64
CA VAL B 223 20.19 -8.67 1.38
C VAL B 223 20.81 -9.96 1.87
N LYS B 224 21.53 -10.64 1.00
CA LYS B 224 22.22 -11.88 1.36
C LYS B 224 23.56 -11.60 2.02
N VAL B 225 23.95 -12.50 2.92
CA VAL B 225 25.22 -12.42 3.61
C VAL B 225 26.38 -12.41 2.61
N GLU B 226 26.29 -13.29 1.61
CA GLU B 226 27.33 -13.41 0.59
C GLU B 226 27.56 -12.11 -0.17
N GLU B 227 26.51 -11.33 -0.35
CA GLU B 227 26.64 -10.05 -1.04
C GLU B 227 27.44 -9.04 -0.23
N VAL B 228 27.13 -8.91 1.05
CA VAL B 228 27.84 -8.01 1.94
C VAL B 228 29.25 -8.57 2.13
N GLN B 229 29.37 -9.89 2.20
CA GLN B 229 30.67 -10.52 2.42
C GLN B 229 31.56 -10.24 1.21
N GLU B 230 30.97 -10.29 0.02
CA GLU B 230 31.68 -9.89 -1.21
C GLU B 230 32.26 -8.48 -1.08
N PHE B 231 31.45 -7.52 -0.65
CA PHE B 231 31.93 -6.15 -0.43
C PHE B 231 33.10 -6.11 0.55
N TYR B 232 32.92 -6.75 1.71
CA TYR B 232 33.96 -6.79 2.74
C TYR B 232 35.31 -7.28 2.20
N GLU B 233 35.32 -8.45 1.58
CA GLU B 233 36.57 -9.05 1.12
C GLU B 233 37.25 -8.25 0.02
N ARG B 234 36.46 -7.61 -0.83
CA ARG B 234 37.04 -6.78 -1.88
C ARG B 234 37.65 -5.48 -1.30
N ASN B 235 36.97 -4.90 -0.30
CA ASN B 235 37.45 -3.67 0.35
C ASN B 235 38.64 -3.92 1.28
N LYS B 236 38.71 -5.13 1.85
CA LYS B 236 39.78 -5.51 2.77
C LYS B 236 41.19 -5.32 2.19
N HIS B 237 41.28 -5.33 0.86
CA HIS B 237 42.56 -5.28 0.20
C HIS B 237 43.10 -3.86 0.03
N VAL B 238 42.32 -2.89 0.48
CA VAL B 238 42.77 -1.49 0.53
C VAL B 238 42.41 -0.86 1.87
N ASN B 239 41.68 -1.59 2.69
CA ASN B 239 41.20 -1.05 3.97
C ASN B 239 41.44 -2.02 5.12
N PRO B 240 42.40 -1.69 5.99
CA PRO B 240 42.69 -2.54 7.14
C PRO B 240 41.66 -2.38 8.26
N ASN B 241 40.81 -1.35 8.12
CA ASN B 241 39.85 -1.04 9.17
C ASN B 241 38.39 -1.24 8.75
N VAL B 242 38.17 -2.04 7.70
CA VAL B 242 36.82 -2.54 7.41
C VAL B 242 36.58 -3.80 8.25
N GLU B 243 35.39 -3.86 8.85
CA GLU B 243 35.00 -5.00 9.66
C GLU B 243 33.66 -5.55 9.17
N LEU B 244 33.45 -6.84 9.38
CA LEU B 244 32.20 -7.46 9.02
C LEU B 244 31.67 -8.21 10.22
N TRP B 245 30.39 -8.01 10.50
CA TRP B 245 29.70 -8.74 11.56
C TRP B 245 28.47 -9.43 10.99
N VAL B 246 28.50 -10.77 11.03
CA VAL B 246 27.39 -11.55 10.55
C VAL B 246 26.56 -12.06 11.73
N THR B 247 25.30 -11.63 11.78
CA THR B 247 24.39 -11.91 12.88
C THR B 247 23.26 -12.87 12.47
N ASP B 248 22.41 -13.23 13.43
CA ASP B 248 21.28 -14.13 13.17
C ASP B 248 19.94 -13.41 13.07
N ALA B 249 19.96 -12.12 12.74
CA ALA B 249 18.72 -11.33 12.69
C ALA B 249 18.23 -11.17 11.26
N PRO B 250 16.98 -10.72 11.10
CA PRO B 250 16.57 -10.34 9.76
C PRO B 250 16.91 -8.88 9.45
N HIS B 251 16.43 -8.42 8.29
CA HIS B 251 16.83 -7.16 7.69
C HIS B 251 16.71 -5.99 8.66
N VAL B 252 17.78 -5.20 8.72
CA VAL B 252 18.01 -4.13 9.71
C VAL B 252 17.54 -4.38 11.14
N ARG B 253 17.37 -5.64 11.55
CA ARG B 253 16.83 -5.86 12.88
C ARG B 253 17.79 -6.50 13.86
N THR B 254 19.09 -6.40 13.60
CA THR B 254 20.04 -6.88 14.60
C THR B 254 19.84 -6.08 15.89
N ILE B 255 19.62 -4.78 15.72
CA ILE B 255 19.55 -3.89 16.88
C ILE B 255 18.26 -4.14 17.65
N GLN B 256 17.28 -4.74 17.00
CA GLN B 256 16.01 -5.10 17.66
C GLN B 256 16.15 -6.41 18.42
N VAL B 257 16.78 -7.39 17.78
CA VAL B 257 16.90 -8.73 18.32
C VAL B 257 18.11 -8.87 19.24
N PHE B 258 19.23 -8.23 18.91
CA PHE B 258 20.43 -8.30 19.75
C PHE B 258 20.91 -6.92 20.18
N PRO B 259 20.06 -6.17 20.89
CA PRO B 259 20.34 -4.77 21.21
C PRO B 259 21.66 -4.53 21.94
N GLU B 260 21.92 -5.29 23.00
CA GLU B 260 23.08 -5.02 23.84
C GLU B 260 24.36 -5.32 23.09
N GLU B 261 24.34 -6.38 22.30
CA GLU B 261 25.51 -6.76 21.52
C GLU B 261 25.73 -5.82 20.36
N TRP B 262 24.64 -5.35 19.75
CA TRP B 262 24.72 -4.39 18.66
C TRP B 262 25.37 -3.10 19.19
N LYS B 263 24.84 -2.60 20.31
CA LYS B 263 25.32 -1.37 20.92
C LYS B 263 26.77 -1.52 21.40
N SER B 264 27.09 -2.69 21.94
CA SER B 264 28.46 -3.00 22.38
C SER B 264 29.46 -2.86 21.23
N ARG B 265 29.19 -3.53 20.12
CA ARG B 265 30.11 -3.55 18.99
C ARG B 265 30.19 -2.21 18.26
N VAL B 266 29.03 -1.64 17.96
CA VAL B 266 29.00 -0.33 17.34
C VAL B 266 29.56 0.76 18.29
N GLY B 267 29.23 0.66 19.57
CA GLY B 267 29.75 1.58 20.55
C GLY B 267 31.28 1.56 20.54
N GLU B 268 31.85 0.37 20.69
CA GLU B 268 33.31 0.21 20.70
C GLU B 268 33.91 0.73 19.39
N PHE B 269 33.25 0.44 18.26
CA PHE B 269 33.72 0.91 16.96
C PHE B 269 33.72 2.43 16.85
N LEU B 270 32.61 3.07 17.27
CA LEU B 270 32.57 4.53 17.28
C LEU B 270 33.64 5.12 18.23
N LYS B 271 33.68 4.64 19.46
CA LYS B 271 34.73 5.00 20.43
C LYS B 271 36.13 5.04 19.82
N ARG B 272 36.49 3.95 19.17
CA ARG B 272 37.84 3.82 18.62
C ARG B 272 38.13 4.87 17.55
N TRP B 273 37.22 5.03 16.60
CA TRP B 273 37.51 5.88 15.45
C TRP B 273 37.00 7.33 15.56
N MET B 274 35.94 7.56 16.35
CA MET B 274 35.48 8.94 16.57
C MET B 274 36.51 9.71 17.40
N GLY B 275 37.21 8.98 18.27
CA GLY B 275 38.25 9.56 19.09
C GLY B 275 37.72 10.34 20.27
#